data_2D2F
#
_entry.id   2D2F
#
_cell.length_a   33.336
_cell.length_b   71.864
_cell.length_c   49.776
_cell.angle_alpha   90.00
_cell.angle_beta   105.71
_cell.angle_gamma   90.00
#
_symmetry.space_group_name_H-M   'P 1 21 1'
#
loop_
_entity.id
_entity.type
_entity.pdbx_description
1 polymer 'SufC protein'
2 non-polymer 'MAGNESIUM ION'
3 non-polymer "ADENOSINE-5'-DIPHOSPHATE"
4 non-polymer GLYCEROL
5 water water
#
_entity_poly.entity_id   1
_entity_poly.type   'polypeptide(L)'
_entity_poly.pdbx_seq_one_letter_code
;MSQLEIRDLWASIDGETILKGVNLVVPKGEVHALMGPNGAGKSTLGKILAGDPEYTVERGEILLDGENILELSPDERARK
GLFLAFQYPVEVPGVTIANFLRLALQAKLGREVGVAEFWTKVKKALELLDWDESYLSRYLNEGFSGGEKKRNEILQLLVL
EPTYAVLDETDSGLDIDALKVVARGVNAMRGPNFGALVITHYQRILNYIQPDKVHVMMDGRVVATGGPELALELEAKGYE
WLKEKVKEGA
;
_entity_poly.pdbx_strand_id   A
#
# COMPACT_ATOMS: atom_id res chain seq x y z
N SER A 2 13.44 7.89 9.38
CA SER A 2 13.34 6.49 9.87
C SER A 2 11.90 6.03 10.11
N GLN A 3 10.93 6.78 9.61
N GLN A 3 10.92 6.80 9.63
CA GLN A 3 9.54 6.41 9.77
CA GLN A 3 9.52 6.43 9.78
C GLN A 3 8.64 7.21 8.83
C GLN A 3 8.64 7.20 8.82
N LEU A 4 7.47 6.63 8.61
CA LEU A 4 6.44 7.26 7.80
C LEU A 4 5.42 7.75 8.82
N GLU A 5 5.22 9.06 8.95
CA GLU A 5 4.31 9.55 9.96
C GLU A 5 3.22 10.45 9.43
N ILE A 6 2.00 10.16 9.77
CA ILE A 6 0.84 10.99 9.46
C ILE A 6 0.65 11.75 10.76
N ARG A 7 0.72 13.08 10.72
CA ARG A 7 0.59 13.85 11.95
C ARG A 7 -0.57 14.84 11.90
N ASP A 8 -1.53 14.63 12.83
CA ASP A 8 -2.73 15.46 12.93
C ASP A 8 -3.24 15.88 11.56
N LEU A 9 -3.49 14.90 10.72
CA LEU A 9 -3.97 15.13 9.37
C LEU A 9 -5.47 15.35 9.30
N TRP A 10 -5.86 16.48 8.71
CA TRP A 10 -7.29 16.82 8.54
C TRP A 10 -7.42 17.03 7.04
N ALA A 11 -8.43 16.40 6.44
CA ALA A 11 -8.62 16.51 5.00
C ALA A 11 -10.08 16.51 4.65
N SER A 12 -10.42 17.22 3.59
CA SER A 12 -11.81 17.29 3.20
C SER A 12 -11.95 17.09 1.71
N ILE A 13 -13.19 17.11 1.26
CA ILE A 13 -13.50 17.00 -0.14
C ILE A 13 -14.91 17.55 -0.24
N ASP A 14 -15.05 18.72 -0.86
CA ASP A 14 -16.33 19.41 -0.99
C ASP A 14 -16.75 20.04 0.32
N GLY A 15 -15.79 20.55 1.08
CA GLY A 15 -16.15 21.16 2.36
C GLY A 15 -16.43 20.11 3.42
N GLU A 16 -16.68 18.88 2.99
CA GLU A 16 -16.96 17.78 3.91
C GLU A 16 -15.64 17.26 4.46
N THR A 17 -15.48 17.31 5.78
CA THR A 17 -14.27 16.84 6.41
C THR A 17 -14.34 15.31 6.52
N ILE A 18 -13.37 14.63 5.94
CA ILE A 18 -13.33 13.18 5.99
C ILE A 18 -12.30 12.70 7.00
N LEU A 19 -11.07 13.22 6.91
CA LEU A 19 -10.04 12.83 7.86
C LEU A 19 -10.10 13.85 8.99
N LYS A 20 -10.20 13.38 10.23
CA LYS A 20 -10.35 14.27 11.38
C LYS A 20 -9.27 14.18 12.44
N GLY A 21 -8.02 14.42 12.03
CA GLY A 21 -6.92 14.37 12.98
C GLY A 21 -6.28 13.00 13.03
N VAL A 22 -5.85 12.51 11.87
CA VAL A 22 -5.21 11.20 11.81
C VAL A 22 -3.74 11.25 12.29
N ASN A 23 -3.40 10.38 13.24
CA ASN A 23 -2.04 10.26 13.76
C ASN A 23 -1.68 8.79 13.58
N LEU A 24 -0.61 8.52 12.84
CA LEU A 24 -0.21 7.14 12.54
C LEU A 24 1.27 7.10 12.18
N VAL A 25 2.05 6.37 12.95
CA VAL A 25 3.48 6.27 12.70
C VAL A 25 3.89 4.84 12.32
N VAL A 26 4.53 4.68 11.18
CA VAL A 26 5.01 3.37 10.79
C VAL A 26 6.54 3.43 10.71
N PRO A 27 7.22 2.87 11.71
CA PRO A 27 8.69 2.89 11.71
C PRO A 27 9.23 2.09 10.55
N LYS A 28 10.30 2.55 9.94
CA LYS A 28 10.91 1.79 8.85
C LYS A 28 11.31 0.45 9.48
N GLY A 29 11.09 -0.65 8.76
CA GLY A 29 11.41 -1.96 9.29
C GLY A 29 10.19 -2.68 9.84
N GLU A 30 9.08 -1.97 9.99
CA GLU A 30 7.85 -2.59 10.51
C GLU A 30 6.74 -2.62 9.48
N VAL A 31 5.76 -3.49 9.71
CA VAL A 31 4.60 -3.61 8.83
C VAL A 31 3.34 -3.46 9.70
N HIS A 32 2.59 -2.40 9.46
CA HIS A 32 1.39 -2.15 10.25
C HIS A 32 0.12 -2.38 9.46
N ALA A 33 -1.00 -2.47 10.18
CA ALA A 33 -2.29 -2.63 9.53
C ALA A 33 -3.14 -1.44 9.94
N LEU A 34 -4.00 -0.97 9.04
CA LEU A 34 -4.92 0.11 9.34
C LEU A 34 -6.28 -0.48 9.01
N MET A 35 -7.12 -0.58 10.03
CA MET A 35 -8.45 -1.15 9.90
C MET A 35 -9.54 -0.11 10.14
N GLY A 36 -10.77 -0.44 9.79
CA GLY A 36 -11.85 0.52 9.96
C GLY A 36 -13.12 -0.08 9.39
N PRO A 37 -14.31 0.37 9.83
CA PRO A 37 -15.59 -0.15 9.36
C PRO A 37 -16.01 0.07 7.90
N ASN A 38 -15.42 1.08 7.27
CA ASN A 38 -15.72 1.46 5.88
C ASN A 38 -16.42 2.82 5.94
N GLY A 39 -15.83 3.82 5.30
CA GLY A 39 -16.40 5.16 5.36
C GLY A 39 -15.74 5.87 6.55
N ALA A 40 -14.93 5.13 7.31
CA ALA A 40 -14.25 5.70 8.46
C ALA A 40 -13.10 6.55 7.98
N GLY A 41 -12.73 6.40 6.71
CA GLY A 41 -11.66 7.19 6.14
C GLY A 41 -10.36 6.48 5.80
N LYS A 42 -10.31 5.16 5.94
CA LYS A 42 -9.03 4.50 5.66
C LYS A 42 -8.60 4.54 4.19
N SER A 43 -9.52 4.30 3.26
CA SER A 43 -9.12 4.35 1.86
C SER A 43 -8.85 5.79 1.42
N THR A 44 -9.48 6.75 2.09
CA THR A 44 -9.25 8.18 1.81
C THR A 44 -7.80 8.51 2.21
N LEU A 45 -7.35 7.98 3.35
CA LEU A 45 -5.97 8.24 3.78
C LEU A 45 -5.05 7.69 2.68
N GLY A 46 -5.38 6.50 2.20
CA GLY A 46 -4.60 5.92 1.12
C GLY A 46 -4.49 6.83 -0.09
N LYS A 47 -5.61 7.40 -0.53
CA LYS A 47 -5.60 8.28 -1.69
C LYS A 47 -4.83 9.56 -1.43
N ILE A 48 -4.85 10.05 -0.19
CA ILE A 48 -4.14 11.28 0.15
C ILE A 48 -2.64 11.02 0.19
N LEU A 49 -2.26 9.82 0.62
CA LEU A 49 -0.84 9.45 0.62
C LEU A 49 -0.33 9.38 -0.80
N ALA A 50 -1.18 8.96 -1.73
CA ALA A 50 -0.81 8.85 -3.14
C ALA A 50 -0.83 10.21 -3.87
N GLY A 51 -1.54 11.19 -3.31
CA GLY A 51 -1.57 12.51 -3.94
C GLY A 51 -2.82 12.84 -4.74
N ASP A 52 -3.88 12.07 -4.54
CA ASP A 52 -5.14 12.31 -5.23
C ASP A 52 -5.49 13.78 -5.05
N PRO A 53 -5.38 14.57 -6.13
CA PRO A 53 -5.67 16.02 -6.12
C PRO A 53 -7.09 16.43 -5.73
N GLU A 54 -8.04 15.50 -5.77
CA GLU A 54 -9.42 15.82 -5.41
C GLU A 54 -9.59 16.19 -3.95
N TYR A 55 -8.61 15.87 -3.12
CA TYR A 55 -8.70 16.15 -1.70
C TYR A 55 -7.96 17.39 -1.27
N THR A 56 -8.49 18.03 -0.23
CA THR A 56 -7.85 19.22 0.30
C THR A 56 -7.33 18.95 1.70
N VAL A 57 -6.05 19.21 1.94
CA VAL A 57 -5.48 19.00 3.26
C VAL A 57 -5.71 20.28 4.06
N GLU A 58 -6.50 20.18 5.14
CA GLU A 58 -6.82 21.33 5.97
C GLU A 58 -5.78 21.65 7.02
N ARG A 59 -5.14 20.61 7.54
CA ARG A 59 -4.17 20.78 8.59
C ARG A 59 -3.41 19.46 8.72
N GLY A 60 -2.21 19.52 9.27
CA GLY A 60 -1.43 18.30 9.44
C GLY A 60 -0.37 18.08 8.41
N GLU A 61 0.41 17.01 8.60
CA GLU A 61 1.49 16.69 7.66
C GLU A 61 1.67 15.19 7.50
N ILE A 62 2.41 14.83 6.46
CA ILE A 62 2.78 13.44 6.16
C ILE A 62 4.30 13.50 5.95
N LEU A 63 5.03 12.96 6.92
CA LEU A 63 6.50 12.99 6.90
C LEU A 63 7.07 11.64 6.52
N LEU A 64 7.94 11.63 5.51
CA LEU A 64 8.58 10.39 5.11
C LEU A 64 10.04 10.67 5.46
N ASP A 65 10.53 9.94 6.45
CA ASP A 65 11.88 10.09 6.94
C ASP A 65 12.18 11.56 7.25
N GLY A 66 11.24 12.23 7.91
CA GLY A 66 11.45 13.62 8.30
C GLY A 66 10.97 14.72 7.37
N GLU A 67 10.77 14.41 6.10
CA GLU A 67 10.32 15.41 5.12
C GLU A 67 8.82 15.34 4.87
N ASN A 68 8.16 16.49 4.92
CA ASN A 68 6.72 16.53 4.65
C ASN A 68 6.57 16.40 3.13
N ILE A 69 5.77 15.42 2.70
CA ILE A 69 5.58 15.17 1.28
C ILE A 69 4.23 15.61 0.71
N LEU A 70 3.39 16.22 1.53
CA LEU A 70 2.07 16.63 1.06
C LEU A 70 2.09 17.60 -0.12
N GLU A 71 3.14 18.42 -0.21
CA GLU A 71 3.23 19.38 -1.31
C GLU A 71 3.92 18.78 -2.54
N LEU A 72 4.48 17.58 -2.38
CA LEU A 72 5.14 16.92 -3.50
C LEU A 72 4.15 16.20 -4.40
N SER A 73 4.49 16.11 -5.67
CA SER A 73 3.65 15.44 -6.66
C SER A 73 3.79 13.94 -6.44
N PRO A 74 2.90 13.12 -7.01
CA PRO A 74 2.98 11.66 -6.86
C PRO A 74 4.34 11.16 -7.32
N ASP A 75 4.84 11.76 -8.39
CA ASP A 75 6.13 11.42 -8.98
C ASP A 75 7.27 11.71 -8.01
N GLU A 76 7.25 12.90 -7.41
CA GLU A 76 8.29 13.28 -6.46
C GLU A 76 8.24 12.40 -5.20
N ARG A 77 7.04 12.03 -4.76
CA ARG A 77 6.91 11.19 -3.57
C ARG A 77 7.56 9.84 -3.82
N ALA A 78 7.32 9.28 -5.01
CA ALA A 78 7.89 7.99 -5.35
C ALA A 78 9.41 8.11 -5.36
N ARG A 79 9.92 9.25 -5.83
CA ARG A 79 11.37 9.43 -5.85
C ARG A 79 11.89 9.45 -4.42
N LYS A 80 11.05 9.89 -3.48
CA LYS A 80 11.45 9.94 -2.09
C LYS A 80 11.32 8.56 -1.43
N GLY A 81 10.84 7.56 -2.18
CA GLY A 81 10.70 6.22 -1.62
C GLY A 81 9.30 5.67 -1.37
N LEU A 82 8.25 6.46 -1.59
CA LEU A 82 6.89 5.97 -1.38
C LEU A 82 6.45 5.16 -2.59
N PHE A 83 6.04 3.91 -2.38
CA PHE A 83 5.61 3.09 -3.51
C PHE A 83 4.41 3.64 -4.26
N LEU A 84 4.58 3.82 -5.57
CA LEU A 84 3.49 4.31 -6.41
C LEU A 84 3.43 3.46 -7.68
N ALA A 85 2.51 2.51 -7.72
CA ALA A 85 2.40 1.64 -8.89
C ALA A 85 2.11 2.42 -10.18
N PHE A 86 2.81 2.04 -11.25
CA PHE A 86 2.64 2.69 -12.54
C PHE A 86 1.32 2.24 -13.18
N GLN A 87 0.50 3.20 -13.57
CA GLN A 87 -0.81 2.91 -14.18
C GLN A 87 -0.75 2.94 -15.71
N TYR A 88 -1.52 2.07 -16.33
CA TYR A 88 -1.56 1.97 -17.78
C TYR A 88 -2.95 1.47 -18.17
N PRO A 89 -3.49 1.98 -19.30
CA PRO A 89 -4.82 1.57 -19.77
C PRO A 89 -4.99 0.06 -19.94
N VAL A 90 -6.02 -0.48 -19.29
CA VAL A 90 -6.29 -1.92 -19.35
C VAL A 90 -6.60 -2.43 -20.76
N GLU A 91 -7.20 -1.58 -21.58
CA GLU A 91 -7.57 -2.00 -22.93
C GLU A 91 -6.40 -2.07 -23.93
N VAL A 92 -5.25 -1.54 -23.59
CA VAL A 92 -4.12 -1.58 -24.52
C VAL A 92 -3.53 -3.01 -24.61
N PRO A 93 -3.48 -3.57 -25.83
CA PRO A 93 -2.93 -4.92 -26.05
C PRO A 93 -1.44 -4.91 -26.38
N GLY A 94 -0.89 -6.11 -26.56
CA GLY A 94 0.51 -6.26 -26.93
C GLY A 94 1.59 -5.77 -25.99
N VAL A 95 1.28 -5.66 -24.70
CA VAL A 95 2.26 -5.21 -23.72
C VAL A 95 2.63 -6.38 -22.81
N THR A 96 3.87 -6.87 -22.94
CA THR A 96 4.28 -7.98 -22.08
C THR A 96 4.48 -7.39 -20.69
N ILE A 97 4.29 -8.22 -19.67
CA ILE A 97 4.48 -7.76 -18.30
C ILE A 97 5.93 -7.30 -18.16
N ALA A 98 6.86 -7.98 -18.83
CA ALA A 98 8.27 -7.61 -18.77
C ALA A 98 8.51 -6.19 -19.29
N ASN A 99 7.96 -5.86 -20.46
CA ASN A 99 8.17 -4.53 -21.03
C ASN A 99 7.57 -3.49 -20.11
N PHE A 100 6.42 -3.80 -19.51
CA PHE A 100 5.78 -2.85 -18.62
C PHE A 100 6.58 -2.60 -17.35
N LEU A 101 7.17 -3.67 -16.79
CA LEU A 101 7.96 -3.52 -15.57
C LEU A 101 9.19 -2.69 -15.85
N ARG A 102 9.74 -2.86 -17.04
CA ARG A 102 10.94 -2.12 -17.42
C ARG A 102 10.59 -0.65 -17.53
N LEU A 103 9.42 -0.38 -18.10
CA LEU A 103 8.94 0.98 -18.25
C LEU A 103 8.77 1.58 -16.86
N ALA A 104 8.20 0.81 -15.93
CA ALA A 104 7.96 1.32 -14.58
C ALA A 104 9.25 1.58 -13.83
N LEU A 105 10.20 0.68 -13.98
CA LEU A 105 11.48 0.83 -13.29
C LEU A 105 12.22 2.04 -13.86
N GLN A 106 12.21 2.19 -15.17
CA GLN A 106 12.89 3.33 -15.78
C GLN A 106 12.30 4.66 -15.37
N ALA A 107 10.99 4.69 -15.14
CA ALA A 107 10.30 5.92 -14.72
C ALA A 107 10.74 6.31 -13.31
N LYS A 108 10.79 5.32 -12.42
CA LYS A 108 11.18 5.56 -11.04
C LYS A 108 12.66 5.93 -10.89
N LEU A 109 13.52 5.28 -11.67
CA LEU A 109 14.95 5.55 -11.58
C LEU A 109 15.41 6.79 -12.36
N GLY A 110 14.56 7.25 -13.29
CA GLY A 110 14.89 8.42 -14.10
C GLY A 110 15.94 8.19 -15.17
N ARG A 111 16.18 6.93 -15.55
CA ARG A 111 17.19 6.64 -16.54
C ARG A 111 16.87 5.33 -17.24
N GLU A 112 17.59 5.05 -18.33
CA GLU A 112 17.38 3.81 -19.05
C GLU A 112 17.88 2.69 -18.14
N VAL A 113 17.32 1.49 -18.31
CA VAL A 113 17.77 0.34 -17.53
C VAL A 113 18.11 -0.72 -18.57
N GLY A 114 19.36 -1.17 -18.59
CA GLY A 114 19.79 -2.18 -19.55
C GLY A 114 19.21 -3.54 -19.22
N VAL A 115 19.30 -4.50 -20.15
CA VAL A 115 18.74 -5.82 -19.92
C VAL A 115 19.30 -6.56 -18.71
N ALA A 116 20.59 -6.40 -18.43
CA ALA A 116 21.18 -7.10 -17.30
C ALA A 116 20.59 -6.61 -15.97
N GLU A 117 20.53 -5.30 -15.80
CA GLU A 117 19.99 -4.76 -14.55
C GLU A 117 18.52 -5.15 -14.40
N PHE A 118 17.74 -5.00 -15.47
CA PHE A 118 16.33 -5.34 -15.43
C PHE A 118 16.09 -6.81 -15.06
N TRP A 119 16.69 -7.72 -15.82
CA TRP A 119 16.48 -9.15 -15.57
C TRP A 119 17.05 -9.67 -14.26
N THR A 120 18.11 -9.03 -13.77
CA THR A 120 18.68 -9.45 -12.51
C THR A 120 17.68 -9.10 -11.41
N LYS A 121 17.11 -7.90 -11.47
CA LYS A 121 16.12 -7.46 -10.50
C LYS A 121 14.85 -8.29 -10.59
N VAL A 122 14.42 -8.55 -11.82
CA VAL A 122 13.22 -9.34 -12.05
C VAL A 122 13.42 -10.76 -11.51
N LYS A 123 14.57 -11.37 -11.81
CA LYS A 123 14.84 -12.74 -11.35
C LYS A 123 14.80 -12.83 -9.81
N LYS A 124 15.43 -11.89 -9.12
CA LYS A 124 15.42 -11.92 -7.66
C LYS A 124 13.98 -11.84 -7.17
N ALA A 125 13.20 -10.94 -7.77
CA ALA A 125 11.80 -10.78 -7.40
C ALA A 125 11.05 -12.10 -7.58
N LEU A 126 11.30 -12.77 -8.70
CA LEU A 126 10.63 -14.04 -9.00
C LEU A 126 11.05 -15.11 -8.00
N GLU A 127 12.31 -15.08 -7.61
CA GLU A 127 12.85 -16.03 -6.64
C GLU A 127 12.17 -15.80 -5.28
N LEU A 128 11.98 -14.53 -4.93
CA LEU A 128 11.34 -14.21 -3.65
C LEU A 128 9.86 -14.59 -3.64
N LEU A 129 9.18 -14.46 -4.78
CA LEU A 129 7.77 -14.78 -4.88
C LEU A 129 7.51 -16.22 -5.32
N ASP A 130 8.58 -16.91 -5.70
CA ASP A 130 8.46 -18.29 -6.16
C ASP A 130 7.55 -18.34 -7.38
N TRP A 131 7.80 -17.49 -8.37
CA TRP A 131 7.00 -17.46 -9.59
C TRP A 131 7.88 -17.87 -10.77
N ASP A 132 7.28 -18.37 -11.85
CA ASP A 132 8.05 -18.79 -13.03
C ASP A 132 8.33 -17.62 -13.95
N GLU A 133 9.53 -17.61 -14.52
CA GLU A 133 9.92 -16.52 -15.39
C GLU A 133 9.03 -16.41 -16.64
N SER A 134 8.34 -17.48 -17.00
CA SER A 134 7.48 -17.45 -18.18
C SER A 134 6.36 -16.43 -18.00
N TYR A 135 6.01 -16.14 -16.75
CA TYR A 135 4.95 -15.19 -16.43
C TYR A 135 5.23 -13.82 -17.07
N LEU A 136 6.50 -13.46 -17.15
CA LEU A 136 6.89 -12.18 -17.72
C LEU A 136 6.55 -12.05 -19.19
N SER A 137 6.27 -13.19 -19.85
CA SER A 137 5.91 -13.14 -21.27
C SER A 137 4.41 -12.98 -21.51
N ARG A 138 3.62 -12.98 -20.44
CA ARG A 138 2.19 -12.80 -20.59
C ARG A 138 1.95 -11.31 -20.86
N TYR A 139 0.80 -10.99 -21.43
CA TYR A 139 0.48 -9.61 -21.75
C TYR A 139 -0.23 -8.96 -20.60
N LEU A 140 0.09 -7.69 -20.38
CA LEU A 140 -0.52 -6.93 -19.30
C LEU A 140 -2.03 -6.91 -19.50
N ASN A 141 -2.77 -7.21 -18.44
CA ASN A 141 -4.22 -7.19 -18.51
C ASN A 141 -4.88 -8.14 -19.51
N GLU A 142 -4.26 -9.29 -19.75
CA GLU A 142 -4.82 -10.28 -20.67
C GLU A 142 -6.22 -10.67 -20.24
N GLY A 143 -6.38 -10.87 -18.93
CA GLY A 143 -7.66 -11.30 -18.39
C GLY A 143 -8.58 -10.26 -17.78
N PHE A 144 -8.19 -8.98 -17.88
CA PHE A 144 -9.01 -7.91 -17.33
C PHE A 144 -9.59 -8.22 -15.96
N SER A 145 -8.75 -8.74 -15.05
CA SER A 145 -9.21 -9.07 -13.70
C SER A 145 -8.45 -8.32 -12.60
N GLY A 146 -9.12 -8.14 -11.47
CA GLY A 146 -8.51 -7.47 -10.34
C GLY A 146 -7.38 -8.31 -9.79
N GLY A 147 -7.55 -9.62 -9.81
CA GLY A 147 -6.51 -10.52 -9.31
C GLY A 147 -5.23 -10.35 -10.10
N GLU A 148 -5.38 -10.16 -11.40
CA GLU A 148 -4.23 -9.98 -12.27
C GLU A 148 -3.55 -8.64 -11.98
N LYS A 149 -4.37 -7.65 -11.63
CA LYS A 149 -3.81 -6.33 -11.33
C LYS A 149 -2.96 -6.37 -10.06
N LYS A 150 -3.42 -7.11 -9.07
CA LYS A 150 -2.71 -7.24 -7.80
C LYS A 150 -1.37 -7.95 -8.00
N ARG A 151 -1.40 -9.06 -8.71
CA ARG A 151 -0.18 -9.82 -8.96
C ARG A 151 0.84 -8.95 -9.65
N ASN A 152 0.39 -8.20 -10.67
CA ASN A 152 1.28 -7.33 -11.42
C ASN A 152 1.82 -6.19 -10.57
N GLU A 153 1.02 -5.67 -9.65
CA GLU A 153 1.50 -4.58 -8.81
C GLU A 153 2.49 -5.08 -7.74
N ILE A 154 2.36 -6.32 -7.32
CA ILE A 154 3.28 -6.89 -6.33
C ILE A 154 4.63 -7.14 -7.02
N LEU A 155 4.61 -7.46 -8.30
CA LEU A 155 5.86 -7.64 -9.03
C LEU A 155 6.57 -6.29 -9.06
N GLN A 156 5.82 -5.22 -9.29
CA GLN A 156 6.40 -3.86 -9.32
C GLN A 156 6.97 -3.49 -7.95
N LEU A 157 6.23 -3.85 -6.91
CA LEU A 157 6.66 -3.57 -5.55
C LEU A 157 8.06 -4.15 -5.33
N LEU A 158 8.27 -5.39 -5.73
CA LEU A 158 9.57 -6.00 -5.51
C LEU A 158 10.67 -5.47 -6.43
N VAL A 159 10.32 -5.15 -7.67
CA VAL A 159 11.33 -4.68 -8.60
C VAL A 159 11.72 -3.21 -8.38
N LEU A 160 10.74 -2.39 -8.00
CA LEU A 160 11.02 -0.95 -7.79
C LEU A 160 11.67 -0.67 -6.44
N GLU A 161 11.59 -1.63 -5.53
CA GLU A 161 12.19 -1.50 -4.21
C GLU A 161 11.88 -0.19 -3.48
N PRO A 162 10.61 0.07 -3.20
CA PRO A 162 10.32 1.34 -2.49
C PRO A 162 10.74 1.23 -1.03
N THR A 163 10.80 2.36 -0.34
CA THR A 163 11.18 2.36 1.08
C THR A 163 9.92 2.16 1.92
N TYR A 164 8.81 2.75 1.48
CA TYR A 164 7.53 2.60 2.17
C TYR A 164 6.44 2.26 1.17
N ALA A 165 5.52 1.39 1.57
CA ALA A 165 4.43 1.04 0.68
C ALA A 165 3.12 1.02 1.46
N VAL A 166 2.09 1.62 0.88
CA VAL A 166 0.78 1.65 1.51
C VAL A 166 -0.07 0.81 0.58
N LEU A 167 -0.57 -0.30 1.11
CA LEU A 167 -1.36 -1.24 0.32
C LEU A 167 -2.79 -1.37 0.79
N ASP A 168 -3.72 -0.90 -0.03
CA ASP A 168 -5.12 -0.98 0.35
C ASP A 168 -5.69 -2.26 -0.24
N GLU A 169 -6.00 -3.22 0.62
CA GLU A 169 -6.53 -4.50 0.17
C GLU A 169 -8.01 -4.67 0.47
N THR A 170 -8.69 -3.57 0.79
CA THR A 170 -10.10 -3.67 1.09
C THR A 170 -10.90 -4.14 -0.13
N ASP A 171 -10.42 -3.77 -1.33
CA ASP A 171 -11.13 -4.16 -2.53
C ASP A 171 -11.06 -5.66 -2.83
N SER A 172 -10.17 -6.38 -2.15
CA SER A 172 -10.07 -7.82 -2.35
C SER A 172 -11.05 -8.59 -1.47
N GLY A 173 -11.60 -7.93 -0.45
CA GLY A 173 -12.54 -8.59 0.43
C GLY A 173 -11.95 -9.86 1.00
N LEU A 174 -12.66 -10.98 0.86
CA LEU A 174 -12.15 -12.24 1.38
C LEU A 174 -11.64 -13.15 0.27
N ASP A 175 -11.22 -12.55 -0.85
CA ASP A 175 -10.68 -13.32 -1.97
C ASP A 175 -9.31 -13.80 -1.50
N ILE A 176 -9.24 -15.02 -0.98
CA ILE A 176 -8.00 -15.53 -0.44
C ILE A 176 -6.79 -15.49 -1.36
N ASP A 177 -6.96 -15.89 -2.61
CA ASP A 177 -5.82 -15.86 -3.51
C ASP A 177 -5.25 -14.47 -3.66
N ALA A 178 -6.12 -13.45 -3.75
CA ALA A 178 -5.66 -12.07 -3.89
C ALA A 178 -4.93 -11.58 -2.63
N LEU A 179 -5.45 -11.93 -1.47
CA LEU A 179 -4.82 -11.53 -0.19
C LEU A 179 -3.46 -12.22 -0.05
N LYS A 180 -3.38 -13.49 -0.45
CA LYS A 180 -2.12 -14.20 -0.35
C LYS A 180 -1.04 -13.66 -1.28
N VAL A 181 -1.43 -13.19 -2.47
CA VAL A 181 -0.43 -12.64 -3.39
C VAL A 181 0.21 -11.40 -2.76
N VAL A 182 -0.61 -10.52 -2.21
CA VAL A 182 -0.09 -9.31 -1.59
C VAL A 182 0.77 -9.70 -0.37
N ALA A 183 0.28 -10.64 0.45
CA ALA A 183 1.03 -11.09 1.62
C ALA A 183 2.40 -11.63 1.22
N ARG A 184 2.46 -12.41 0.14
CA ARG A 184 3.74 -12.97 -0.27
C ARG A 184 4.69 -11.85 -0.59
N GLY A 185 4.20 -10.84 -1.32
CA GLY A 185 5.04 -9.70 -1.68
C GLY A 185 5.50 -8.88 -0.49
N VAL A 186 4.56 -8.55 0.42
CA VAL A 186 4.91 -7.78 1.61
C VAL A 186 5.91 -8.54 2.49
N ASN A 187 5.67 -9.83 2.72
CA ASN A 187 6.60 -10.58 3.54
C ASN A 187 7.99 -10.66 2.89
N ALA A 188 8.02 -10.73 1.56
CA ALA A 188 9.30 -10.81 0.84
C ALA A 188 10.09 -9.50 0.97
N MET A 189 9.38 -8.37 1.15
CA MET A 189 10.02 -7.07 1.27
C MET A 189 10.43 -6.71 2.69
N ARG A 190 9.95 -7.47 3.67
CA ARG A 190 10.27 -7.19 5.08
C ARG A 190 11.76 -7.06 5.33
N GLY A 191 12.16 -6.01 6.04
CA GLY A 191 13.55 -5.80 6.33
C GLY A 191 13.74 -4.43 6.95
N PRO A 192 14.97 -4.09 7.36
CA PRO A 192 15.26 -2.80 7.98
C PRO A 192 15.11 -1.57 7.10
N ASN A 193 15.03 -1.78 5.78
CA ASN A 193 14.93 -0.65 4.87
C ASN A 193 13.53 -0.53 4.24
N PHE A 194 12.55 -1.18 4.87
CA PHE A 194 11.19 -1.18 4.33
C PHE A 194 10.13 -1.12 5.42
N GLY A 195 9.11 -0.28 5.19
CA GLY A 195 8.00 -0.17 6.11
C GLY A 195 6.72 -0.25 5.29
N ALA A 196 5.67 -0.81 5.86
CA ALA A 196 4.44 -0.90 5.10
C ALA A 196 3.21 -0.69 5.94
N LEU A 197 2.15 -0.21 5.28
CA LEU A 197 0.87 -0.03 5.95
C LEU A 197 -0.12 -0.80 5.09
N VAL A 198 -0.74 -1.84 5.66
CA VAL A 198 -1.72 -2.64 4.93
C VAL A 198 -3.09 -2.15 5.37
N ILE A 199 -3.87 -1.63 4.44
CA ILE A 199 -5.21 -1.12 4.77
C ILE A 199 -6.23 -2.20 4.48
N THR A 200 -7.10 -2.47 5.47
CA THR A 200 -8.05 -3.55 5.34
C THR A 200 -9.25 -3.45 6.28
N HIS A 201 -10.38 -3.99 5.85
CA HIS A 201 -11.61 -4.00 6.64
C HIS A 201 -11.62 -5.34 7.39
N TYR A 202 -11.37 -6.43 6.66
CA TYR A 202 -11.31 -7.75 7.29
C TYR A 202 -9.94 -8.04 7.88
N GLN A 203 -9.93 -8.85 8.93
CA GLN A 203 -8.69 -9.25 9.59
C GLN A 203 -7.98 -10.34 8.75
N ARG A 204 -8.73 -10.98 7.87
CA ARG A 204 -8.19 -12.12 7.11
C ARG A 204 -6.76 -12.03 6.60
N ILE A 205 -6.41 -10.96 5.88
CA ILE A 205 -5.07 -10.85 5.32
C ILE A 205 -4.00 -10.85 6.40
N LEU A 206 -4.37 -10.43 7.60
CA LEU A 206 -3.40 -10.35 8.69
C LEU A 206 -3.00 -11.71 9.24
N ASN A 207 -3.64 -12.78 8.76
CA ASN A 207 -3.20 -14.11 9.19
C ASN A 207 -2.03 -14.50 8.30
N TYR A 208 -1.88 -13.82 7.16
CA TYR A 208 -0.78 -14.11 6.24
C TYR A 208 0.34 -13.10 6.40
N ILE A 209 -0.04 -11.87 6.75
CA ILE A 209 0.92 -10.80 6.97
C ILE A 209 0.77 -10.43 8.45
N GLN A 210 1.68 -10.89 9.28
CA GLN A 210 1.59 -10.59 10.70
C GLN A 210 2.00 -9.13 10.95
N PRO A 211 1.08 -8.28 11.44
CA PRO A 211 1.45 -6.89 11.68
C PRO A 211 2.11 -6.65 13.04
N ASP A 212 3.03 -5.69 13.09
CA ASP A 212 3.68 -5.33 14.34
C ASP A 212 2.72 -4.48 15.17
N LYS A 213 1.84 -3.76 14.47
CA LYS A 213 0.89 -2.88 15.14
C LYS A 213 -0.33 -2.74 14.27
N VAL A 214 -1.47 -2.60 14.93
CA VAL A 214 -2.78 -2.44 14.27
C VAL A 214 -3.35 -1.09 14.71
N HIS A 215 -3.80 -0.30 13.75
CA HIS A 215 -4.42 1.01 14.03
C HIS A 215 -5.85 0.87 13.54
N VAL A 216 -6.82 1.35 14.32
CA VAL A 216 -8.22 1.25 13.88
C VAL A 216 -8.82 2.64 13.77
N MET A 217 -9.42 2.93 12.62
CA MET A 217 -10.05 4.23 12.42
C MET A 217 -11.55 4.20 12.57
N MET A 218 -12.10 5.30 13.09
CA MET A 218 -13.52 5.49 13.22
C MET A 218 -13.75 6.99 13.12
N ASP A 219 -14.77 7.38 12.37
CA ASP A 219 -15.10 8.80 12.19
C ASP A 219 -13.87 9.66 11.88
N GLY A 220 -13.06 9.16 10.94
CA GLY A 220 -11.87 9.89 10.41
C GLY A 220 -10.63 10.01 11.29
N ARG A 221 -10.50 9.24 12.37
CA ARG A 221 -9.31 9.31 13.18
C ARG A 221 -9.01 7.96 13.80
N VAL A 222 -7.78 7.76 14.24
CA VAL A 222 -7.42 6.49 14.85
C VAL A 222 -7.99 6.51 16.27
N VAL A 223 -8.81 5.52 16.62
CA VAL A 223 -9.40 5.50 17.96
C VAL A 223 -8.81 4.41 18.83
N ALA A 224 -8.02 3.53 18.25
CA ALA A 224 -7.42 2.45 19.01
C ALA A 224 -6.21 1.87 18.28
N THR A 225 -5.24 1.38 19.04
CA THR A 225 -4.06 0.76 18.48
C THR A 225 -3.71 -0.43 19.38
N GLY A 226 -2.97 -1.38 18.83
CA GLY A 226 -2.60 -2.54 19.62
C GLY A 226 -1.81 -3.50 18.77
N GLY A 227 -1.60 -4.70 19.30
CA GLY A 227 -0.87 -5.69 18.52
C GLY A 227 -1.84 -6.45 17.63
N PRO A 228 -1.40 -7.56 17.05
CA PRO A 228 -2.25 -8.37 16.17
C PRO A 228 -3.55 -8.83 16.85
N GLU A 229 -3.49 -9.02 18.16
CA GLU A 229 -4.67 -9.47 18.89
C GLU A 229 -5.84 -8.50 18.76
N LEU A 230 -5.57 -7.23 18.50
CA LEU A 230 -6.65 -6.28 18.35
C LEU A 230 -7.41 -6.58 17.07
N ALA A 231 -6.70 -6.89 16.00
CA ALA A 231 -7.39 -7.22 14.75
C ALA A 231 -8.21 -8.48 14.97
N LEU A 232 -7.67 -9.41 15.74
CA LEU A 232 -8.38 -10.66 16.00
C LEU A 232 -9.67 -10.42 16.80
N GLU A 233 -9.58 -9.65 17.89
CA GLU A 233 -10.77 -9.39 18.67
C GLU A 233 -11.81 -8.63 17.84
N LEU A 234 -11.33 -7.72 17.01
CA LEU A 234 -12.20 -6.93 16.12
C LEU A 234 -12.94 -7.84 15.13
N GLU A 235 -12.24 -8.84 14.60
CA GLU A 235 -12.86 -9.77 13.66
C GLU A 235 -13.90 -10.66 14.38
N ALA A 236 -13.62 -11.04 15.62
CA ALA A 236 -14.55 -11.89 16.36
C ALA A 236 -15.80 -11.15 16.81
N LYS A 237 -15.61 -9.93 17.29
CA LYS A 237 -16.71 -9.15 17.83
C LYS A 237 -17.34 -8.11 16.94
N GLY A 238 -16.61 -7.62 15.94
CA GLY A 238 -17.17 -6.63 15.03
C GLY A 238 -16.81 -5.20 15.39
N TYR A 239 -16.98 -4.29 14.42
CA TYR A 239 -16.62 -2.90 14.66
C TYR A 239 -17.52 -2.19 15.65
N GLU A 240 -18.81 -2.52 15.68
CA GLU A 240 -19.73 -1.87 16.59
C GLU A 240 -19.23 -2.08 18.02
N TRP A 241 -18.68 -3.26 18.29
CA TRP A 241 -18.12 -3.55 19.61
C TRP A 241 -17.05 -2.53 19.98
N LEU A 242 -16.04 -2.40 19.13
CA LEU A 242 -14.93 -1.47 19.37
C LEU A 242 -15.38 -0.03 19.57
N LYS A 243 -16.31 0.41 18.74
CA LYS A 243 -16.86 1.76 18.81
C LYS A 243 -17.24 2.09 20.24
N GLU A 244 -17.95 1.17 20.89
CA GLU A 244 -18.37 1.39 22.27
C GLU A 244 -17.20 1.24 23.26
N LYS A 245 -16.35 0.25 23.06
CA LYS A 245 -15.22 0.03 23.96
C LYS A 245 -14.26 1.22 24.09
N VAL A 246 -14.10 2.01 23.03
CA VAL A 246 -13.18 3.14 23.08
C VAL A 246 -13.74 4.26 23.93
N LYS A 247 -15.07 4.29 24.05
CA LYS A 247 -15.72 5.31 24.87
C LYS A 247 -15.16 5.21 26.29
#